data_6BIX
#
_entry.id   6BIX
#
_cell.length_a   67.337
_cell.length_b   183.059
_cell.length_c   78.435
_cell.angle_alpha   90.000
_cell.angle_beta   90.000
_cell.angle_gamma   90.000
#
_symmetry.space_group_name_H-M   'C 2 2 21'
#
loop_
_entity.id
_entity.type
_entity.pdbx_description
1 polymer 'HLA class II histocompatibility antigen, DR alpha chain'
2 polymer 'HLA class II DR-beta (HLA-DR B)'
3 polymer LL37_Cit91
4 non-polymer 2-acetamido-2-deoxy-beta-D-glucopyranose
5 water water
#
loop_
_entity_poly.entity_id
_entity_poly.type
_entity_poly.pdbx_seq_one_letter_code
_entity_poly.pdbx_strand_id
1 'polypeptide(L)'
;IKEEHVIIQAEFYLNPDQSGEFMFDFDGDEIFHVDMAKKETVWRLEEFGRFASFEAQGALANIAVDKANLEIMTKRSNYT
PITNVPPEVTVLTNSPVELREPNVLICFIDKFTPPVVNVTWLRNGKPVTTGVSETVFLPREDHLFRKFHYLPFLPSTEDV
YDCRVEHWGLDEPLLKHWEFDTSGDDDDK
;
A
2 'polypeptide(L)'
;GSGDTRPRFLEQVKHECHFFNGTERVRFLDRYFYHQEEYVRFDSDVGEYRAVTELGRPDAEYWNSQKDLLEQRRAAVDTY
CRHNYGVVESFTVQRRVYPEVTVYPAKTQPLQHHNLLVCSVNGFYPGSIEVRWFRNGQEEKTGVVSTGLIQNGDWTFQTL
VMLETVPRSGEVYTCQVEHPSLTSPLTVEWRATGGDDDDK
;
B
3 'polypeptide(L)' ETVCP(CIR)TTQQSPE C
#
loop_
_chem_comp.id
_chem_comp.type
_chem_comp.name
_chem_comp.formula
NAG D-saccharide, beta linking 2-acetamido-2-deoxy-beta-D-glucopyranose 'C8 H15 N O6'
#
# COMPACT_ATOMS: atom_id res chain seq x y z
N GLU A 4 -11.99 -2.99 -12.17
CA GLU A 4 -10.83 -2.62 -12.96
C GLU A 4 -9.86 -1.65 -12.25
N HIS A 5 -10.37 -0.55 -11.69
CA HIS A 5 -9.54 0.35 -10.91
C HIS A 5 -10.32 0.91 -9.73
N VAL A 6 -9.61 1.27 -8.67
CA VAL A 6 -10.21 1.83 -7.47
C VAL A 6 -9.36 2.99 -6.99
N ILE A 7 -9.99 4.15 -6.82
CA ILE A 7 -9.33 5.32 -6.21
C ILE A 7 -9.99 5.57 -4.87
N ILE A 8 -9.20 5.62 -3.80
CA ILE A 8 -9.73 5.82 -2.47
C ILE A 8 -9.08 7.06 -1.87
N GLN A 9 -9.91 7.99 -1.41
CA GLN A 9 -9.48 9.06 -0.53
C GLN A 9 -9.66 8.59 0.92
N ALA A 10 -8.55 8.29 1.60
CA ALA A 10 -8.60 7.73 2.94
C ALA A 10 -8.10 8.73 3.97
N GLU A 11 -8.83 8.87 5.06
CA GLU A 11 -8.52 9.82 6.12
C GLU A 11 -8.52 9.09 7.44
N PHE A 12 -7.72 9.56 8.40
CA PHE A 12 -7.95 9.10 9.77
C PHE A 12 -7.56 10.20 10.76
N TYR A 13 -8.04 10.02 11.98
CA TYR A 13 -7.70 10.88 13.10
C TYR A 13 -7.64 10.00 14.34
N LEU A 14 -6.61 10.20 15.14
CA LEU A 14 -6.28 9.30 16.23
C LEU A 14 -6.13 10.08 17.54
N ASN A 15 -6.87 9.69 18.56
CA ASN A 15 -6.71 10.24 19.92
C ASN A 15 -6.04 9.21 20.82
N PRO A 16 -5.27 9.65 21.84
CA PRO A 16 -5.00 11.05 22.24
C PRO A 16 -3.84 11.70 21.48
N ASP A 17 -3.26 10.96 20.53
CA ASP A 17 -2.12 11.47 19.79
C ASP A 17 -2.42 12.74 19.03
N GLN A 18 -3.68 13.00 18.70
CA GLN A 18 -4.06 14.11 17.82
C GLN A 18 -3.33 14.04 16.49
N SER A 19 -3.16 12.82 15.98
CA SER A 19 -2.58 12.58 14.67
C SER A 19 -3.69 12.49 13.63
N GLY A 20 -3.50 13.20 12.52
CA GLY A 20 -4.39 13.06 11.39
C GLY A 20 -3.66 12.71 10.11
N GLU A 21 -4.37 12.16 9.13
CA GLU A 21 -3.75 11.87 7.85
C GLU A 21 -4.80 11.90 6.75
N PHE A 22 -4.39 12.34 5.57
CA PHE A 22 -5.27 12.48 4.43
C PHE A 22 -4.48 12.04 3.22
N MET A 23 -4.99 11.05 2.47
CA MET A 23 -4.25 10.56 1.31
C MET A 23 -5.22 10.04 0.26
N PHE A 24 -4.70 9.93 -0.97
CA PHE A 24 -5.35 9.26 -2.09
C PHE A 24 -4.56 8.03 -2.47
N ASP A 25 -5.27 6.93 -2.69
CA ASP A 25 -4.73 5.63 -3.06
C ASP A 25 -5.28 5.24 -4.43
N PHE A 26 -4.42 4.70 -5.29
CA PHE A 26 -4.83 4.15 -6.59
C PHE A 26 -4.35 2.70 -6.65
N ASP A 27 -5.29 1.75 -6.70
CA ASP A 27 -5.00 0.32 -6.78
C ASP A 27 -3.94 -0.12 -5.77
N GLY A 28 -3.96 0.47 -4.58
CA GLY A 28 -3.03 0.09 -3.53
C GLY A 28 -1.76 0.93 -3.44
N ASP A 29 -1.55 1.86 -4.35
CA ASP A 29 -0.41 2.77 -4.26
C ASP A 29 -0.85 4.18 -3.89
N GLU A 30 0.04 4.90 -3.21
CA GLU A 30 -0.29 6.25 -2.78
C GLU A 30 -0.07 7.23 -3.91
N ILE A 31 -1.11 7.99 -4.28
CA ILE A 31 -0.92 9.09 -5.23
C ILE A 31 -0.26 10.27 -4.55
N PHE A 32 -0.81 10.67 -3.40
CA PHE A 32 -0.25 11.75 -2.61
C PHE A 32 -0.86 11.69 -1.22
N HIS A 33 -0.24 12.41 -0.30
CA HIS A 33 -0.83 12.73 0.99
C HIS A 33 -0.63 14.22 1.22
N VAL A 34 -1.28 14.73 2.26
CA VAL A 34 -1.15 16.13 2.65
C VAL A 34 -0.36 16.19 3.94
N ASP A 35 0.76 16.90 3.92
CA ASP A 35 1.48 17.23 5.14
C ASP A 35 0.64 18.25 5.91
N MET A 36 0.13 17.84 7.07
CA MET A 36 -0.80 18.70 7.80
C MET A 36 -0.10 19.90 8.42
N ALA A 37 1.12 19.72 8.93
CA ALA A 37 1.83 20.81 9.58
C ALA A 37 2.28 21.86 8.58
N LYS A 38 2.79 21.44 7.42
CA LYS A 38 3.17 22.36 6.36
C LYS A 38 1.99 22.76 5.46
N LYS A 39 0.87 22.07 5.55
CA LYS A 39 -0.28 22.28 4.66
C LYS A 39 0.14 22.26 3.19
N GLU A 40 0.88 21.23 2.82
CA GLU A 40 1.33 21.04 1.44
C GLU A 40 0.94 19.66 0.95
N THR A 41 0.62 19.58 -0.33
CA THR A 41 0.42 18.32 -1.02
C THR A 41 1.77 17.69 -1.32
N VAL A 42 1.93 16.41 -0.96
CA VAL A 42 3.19 15.69 -1.13
C VAL A 42 2.92 14.53 -2.10
N TRP A 43 3.37 14.67 -3.34
CA TRP A 43 3.15 13.65 -4.36
C TRP A 43 4.11 12.49 -4.17
N ARG A 44 3.59 11.27 -4.31
CA ARG A 44 4.41 10.10 -4.00
C ARG A 44 5.59 9.98 -4.95
N LEU A 45 5.35 10.19 -6.25
CA LEU A 45 6.39 10.42 -7.23
C LEU A 45 6.31 11.87 -7.68
N GLU A 46 7.46 12.56 -7.68
CA GLU A 46 7.48 13.99 -7.97
C GLU A 46 6.84 14.31 -9.31
N GLU A 47 7.05 13.45 -10.31
CA GLU A 47 6.48 13.73 -11.63
C GLU A 47 4.96 13.82 -11.60
N PHE A 48 4.30 13.16 -10.63
CA PHE A 48 2.85 13.30 -10.49
C PHE A 48 2.45 14.77 -10.35
N GLY A 49 3.27 15.55 -9.65
CA GLY A 49 2.94 16.93 -9.35
C GLY A 49 2.98 17.87 -10.54
N ARG A 50 3.56 17.45 -11.65
CA ARG A 50 3.54 18.27 -12.85
C ARG A 50 2.30 18.03 -13.69
N PHE A 51 1.61 16.90 -13.47
CA PHE A 51 0.40 16.57 -14.20
C PHE A 51 -0.87 16.77 -13.39
N ALA A 52 -0.78 17.28 -12.16
CA ALA A 52 -1.98 17.43 -11.33
C ALA A 52 -1.64 18.27 -10.11
N SER A 53 -2.69 18.76 -9.45
CA SER A 53 -2.52 19.53 -8.22
C SER A 53 -3.66 19.21 -7.25
N PHE A 54 -3.50 19.65 -6.02
CA PHE A 54 -4.50 19.46 -4.97
C PHE A 54 -4.36 20.58 -3.96
N GLU A 55 -5.48 21.18 -3.59
CA GLU A 55 -5.49 22.27 -2.63
C GLU A 55 -5.43 21.68 -1.23
N ALA A 56 -4.26 21.77 -0.58
CA ALA A 56 -4.08 21.12 0.70
C ALA A 56 -5.07 21.57 1.76
N GLN A 57 -5.67 22.75 1.60
CA GLN A 57 -6.59 23.26 2.61
C GLN A 57 -7.78 22.34 2.77
N GLY A 58 -8.24 21.73 1.68
CA GLY A 58 -9.38 20.83 1.75
C GLY A 58 -9.17 19.65 2.69
N ALA A 59 -7.94 19.16 2.77
CA ALA A 59 -7.66 18.08 3.70
C ALA A 59 -7.80 18.54 5.13
N LEU A 60 -7.28 19.73 5.44
CA LEU A 60 -7.38 20.28 6.78
C LEU A 60 -8.83 20.39 7.22
N ALA A 61 -9.72 20.76 6.30
CA ALA A 61 -11.13 20.88 6.66
C ALA A 61 -11.72 19.51 6.98
N ASN A 62 -11.38 18.49 6.18
CA ASN A 62 -11.87 17.15 6.44
C ASN A 62 -11.36 16.61 7.78
N ILE A 63 -10.08 16.83 8.07
CA ILE A 63 -9.50 16.30 9.30
C ILE A 63 -10.15 16.94 10.51
N ALA A 64 -10.55 18.21 10.40
CA ALA A 64 -11.25 18.85 11.51
C ALA A 64 -12.59 18.18 11.77
N VAL A 65 -13.30 17.80 10.71
CA VAL A 65 -14.55 17.06 10.88
C VAL A 65 -14.26 15.68 11.47
N ASP A 66 -13.20 15.01 11.00
CA ASP A 66 -12.88 13.68 11.53
C ASP A 66 -12.61 13.74 13.03
N LYS A 67 -11.86 14.75 13.47
CA LYS A 67 -11.65 15.00 14.90
C LYS A 67 -12.98 15.12 15.63
N ALA A 68 -13.88 15.98 15.13
CA ALA A 68 -15.18 16.15 15.78
C ALA A 68 -15.95 14.82 15.80
N ASN A 69 -15.89 14.06 14.71
CA ASN A 69 -16.62 12.79 14.70
C ASN A 69 -16.00 11.77 15.64
N LEU A 70 -14.67 11.78 15.78
CA LEU A 70 -14.04 10.84 16.72
C LEU A 70 -14.56 11.08 18.14
N GLU A 71 -14.64 12.35 18.56
CA GLU A 71 -15.16 12.65 19.88
C GLU A 71 -16.59 12.13 20.04
N ILE A 72 -17.42 12.37 19.03
CA ILE A 72 -18.80 11.87 19.06
C ILE A 72 -18.82 10.36 19.15
N MET A 73 -18.03 9.67 18.31
CA MET A 73 -18.11 8.21 18.28
C MET A 73 -17.49 7.59 19.52
N THR A 74 -16.44 8.20 20.07
CA THR A 74 -15.89 7.72 21.34
C THR A 74 -16.96 7.70 22.43
N LYS A 75 -17.71 8.79 22.58
CA LYS A 75 -18.83 8.81 23.53
C LYS A 75 -19.85 7.72 23.23
N ARG A 76 -20.28 7.66 21.97
CA ARG A 76 -21.34 6.73 21.59
C ARG A 76 -20.94 5.30 21.90
N SER A 77 -19.66 4.97 21.74
CA SER A 77 -19.15 3.64 22.06
C SER A 77 -18.92 3.42 23.56
N ASN A 78 -19.20 4.42 24.42
CA ASN A 78 -18.89 4.34 25.85
C ASN A 78 -17.38 4.21 26.07
N TYR A 79 -16.62 4.97 25.29
CA TYR A 79 -15.16 5.05 25.39
C TYR A 79 -14.49 3.69 25.21
N THR A 80 -15.01 2.89 24.29
CA THR A 80 -14.35 1.62 23.97
C THR A 80 -13.10 1.87 23.13
N PRO A 81 -11.91 1.56 23.63
CA PRO A 81 -10.69 1.87 22.89
C PRO A 81 -10.40 0.86 21.78
N ILE A 82 -9.42 1.23 20.94
CA ILE A 82 -8.96 0.32 19.90
C ILE A 82 -8.16 -0.83 20.54
N THR A 83 -8.22 -2.00 19.90
CA THR A 83 -7.37 -3.13 20.29
C THR A 83 -6.11 -3.13 19.42
N ASN A 84 -4.95 -3.15 20.06
CA ASN A 84 -3.69 -3.14 19.32
C ASN A 84 -3.55 -4.41 18.49
N VAL A 85 -3.20 -4.24 17.21
CA VAL A 85 -2.87 -5.37 16.35
C VAL A 85 -1.41 -5.21 15.94
N PRO A 86 -0.51 -6.08 16.40
CA PRO A 86 0.91 -5.89 16.09
C PRO A 86 1.18 -6.18 14.63
N PRO A 87 2.22 -5.59 14.07
CA PRO A 87 2.51 -5.75 12.64
C PRO A 87 3.28 -7.02 12.31
N GLU A 88 3.19 -7.40 11.03
CA GLU A 88 4.13 -8.30 10.40
C GLU A 88 5.18 -7.47 9.70
N VAL A 89 6.43 -7.91 9.78
CA VAL A 89 7.55 -7.13 9.29
C VAL A 89 8.37 -8.00 8.35
N THR A 90 8.69 -7.46 7.19
CA THR A 90 9.49 -8.14 6.19
C THR A 90 10.57 -7.18 5.70
N VAL A 91 11.78 -7.70 5.56
CA VAL A 91 12.90 -6.96 4.99
C VAL A 91 13.27 -7.61 3.66
N LEU A 92 13.35 -6.80 2.62
CA LEU A 92 13.80 -7.29 1.32
C LEU A 92 14.57 -6.18 0.62
N THR A 93 15.21 -6.54 -0.48
CA THR A 93 15.93 -5.57 -1.29
C THR A 93 15.12 -5.20 -2.53
N ASN A 94 15.40 -4.00 -3.04
CA ASN A 94 14.76 -3.49 -4.25
C ASN A 94 15.07 -4.35 -5.48
N SER A 95 16.27 -4.92 -5.54
CA SER A 95 16.74 -5.63 -6.72
C SER A 95 17.71 -6.71 -6.28
N PRO A 96 18.02 -7.68 -7.14
CA PRO A 96 19.00 -8.69 -6.75
C PRO A 96 20.29 -8.02 -6.33
N VAL A 97 20.90 -8.56 -5.28
CA VAL A 97 22.03 -7.91 -4.63
C VAL A 97 23.32 -8.31 -5.33
N GLU A 98 24.15 -7.32 -5.63
CA GLU A 98 25.49 -7.56 -6.12
C GLU A 98 26.46 -6.65 -5.35
N LEU A 99 27.61 -7.23 -4.97
CA LEU A 99 28.60 -6.49 -4.18
C LEU A 99 28.95 -5.17 -4.85
N ARG A 100 29.01 -4.13 -4.04
CA ARG A 100 29.46 -2.81 -4.48
C ARG A 100 28.54 -2.19 -5.53
N GLU A 101 27.34 -2.72 -5.71
CA GLU A 101 26.35 -2.11 -6.61
C GLU A 101 25.20 -1.53 -5.79
N PRO A 102 24.96 -0.23 -5.86
CA PRO A 102 23.95 0.39 -4.98
C PRO A 102 22.60 -0.30 -5.09
N ASN A 103 21.93 -0.39 -3.94
CA ASN A 103 20.64 -1.08 -3.81
C ASN A 103 19.85 -0.38 -2.70
N VAL A 104 18.64 -0.87 -2.44
CA VAL A 104 17.77 -0.32 -1.40
C VAL A 104 17.23 -1.47 -0.55
N LEU A 105 17.34 -1.33 0.76
CA LEU A 105 16.63 -2.21 1.69
C LEU A 105 15.23 -1.64 1.93
N ILE A 106 14.22 -2.50 1.82
CA ILE A 106 12.84 -2.13 2.10
C ILE A 106 12.41 -2.85 3.36
N CYS A 107 11.91 -2.08 4.34
CA CYS A 107 11.28 -2.65 5.51
C CYS A 107 9.76 -2.46 5.36
N PHE A 108 9.04 -3.55 5.17
CA PHE A 108 7.60 -3.52 4.98
C PHE A 108 6.94 -3.87 6.31
N ILE A 109 6.18 -2.92 6.87
CA ILE A 109 5.46 -3.12 8.13
C ILE A 109 3.97 -3.20 7.80
N ASP A 110 3.33 -4.33 8.12
CA ASP A 110 2.03 -4.63 7.57
C ASP A 110 1.04 -5.07 8.64
N LYS A 111 -0.26 -4.84 8.37
CA LYS A 111 -1.37 -5.41 9.12
C LYS A 111 -1.34 -5.00 10.58
N PHE A 112 -1.27 -3.70 10.86
CA PHE A 112 -1.26 -3.24 12.23
C PHE A 112 -2.20 -2.06 12.43
N THR A 113 -2.67 -1.92 13.69
CA THR A 113 -3.29 -0.70 14.25
C THR A 113 -2.94 -0.61 15.73
N PRO A 114 -2.94 0.61 16.28
CA PRO A 114 -3.17 1.89 15.63
C PRO A 114 -2.03 2.32 14.72
N PRO A 115 -2.25 3.33 13.87
CA PRO A 115 -1.16 3.83 13.04
C PRO A 115 -0.13 4.65 13.82
N VAL A 116 0.60 4.00 14.72
CA VAL A 116 1.74 4.58 15.42
C VAL A 116 2.82 3.51 15.51
N VAL A 117 4.04 3.85 15.11
CA VAL A 117 5.08 2.84 15.01
C VAL A 117 6.42 3.56 15.13
N ASN A 118 7.38 2.92 15.79
CA ASN A 118 8.76 3.41 15.79
C ASN A 118 9.59 2.41 14.99
N VAL A 119 10.28 2.91 13.96
CA VAL A 119 11.08 2.10 13.06
C VAL A 119 12.50 2.60 13.09
N THR A 120 13.46 1.68 13.22
CA THR A 120 14.88 2.01 13.21
C THR A 120 15.63 1.07 12.28
N TRP A 121 16.39 1.63 11.36
CA TRP A 121 17.39 0.87 10.62
C TRP A 121 18.67 0.75 11.46
N LEU A 122 19.23 -0.45 11.51
CA LEU A 122 20.47 -0.71 12.23
C LEU A 122 21.48 -1.32 11.29
N ARG A 123 22.70 -0.76 11.26
CA ARG A 123 23.83 -1.32 10.52
C ARG A 123 24.83 -1.81 11.54
N ASN A 124 25.12 -3.11 11.53
CA ASN A 124 25.97 -3.75 12.54
C ASN A 124 25.54 -3.33 13.94
N GLY A 125 24.23 -3.38 14.18
CA GLY A 125 23.68 -3.07 15.48
C GLY A 125 23.64 -1.61 15.87
N LYS A 126 23.97 -0.70 14.96
CA LYS A 126 23.98 0.73 15.25
C LYS A 126 22.94 1.45 14.42
N PRO A 127 22.18 2.39 15.01
CA PRO A 127 21.19 3.14 14.21
C PRO A 127 21.86 3.89 13.08
N VAL A 128 21.24 3.85 11.90
CA VAL A 128 21.66 4.62 10.74
C VAL A 128 20.48 5.45 10.26
N THR A 129 20.75 6.70 9.88
CA THR A 129 19.71 7.59 9.37
C THR A 129 20.05 8.27 8.05
N THR A 130 21.23 8.01 7.49
CA THR A 130 21.63 8.73 6.29
C THR A 130 20.84 8.22 5.08
N GLY A 131 20.14 9.12 4.42
CA GLY A 131 19.43 8.78 3.22
C GLY A 131 18.20 7.91 3.41
N VAL A 132 17.79 7.63 4.65
CA VAL A 132 16.57 6.86 4.84
C VAL A 132 15.36 7.69 4.42
N SER A 133 14.28 6.97 4.10
CA SER A 133 13.01 7.59 3.78
C SER A 133 11.91 6.65 4.21
N GLU A 134 10.67 7.13 4.13
CA GLU A 134 9.54 6.35 4.62
C GLU A 134 8.27 6.87 3.96
N THR A 135 7.26 6.01 3.92
CA THR A 135 5.92 6.42 3.52
C THR A 135 5.10 6.77 4.76
N VAL A 136 3.97 7.45 4.53
CA VAL A 136 2.98 7.63 5.58
C VAL A 136 2.29 6.31 5.83
N PHE A 137 1.26 6.32 6.68
CA PHE A 137 0.52 5.10 6.98
C PHE A 137 -0.45 4.79 5.86
N LEU A 138 -0.37 3.59 5.34
CA LEU A 138 -1.15 3.33 4.16
C LEU A 138 -2.33 2.42 4.49
N PRO A 139 -3.51 2.69 3.94
CA PRO A 139 -4.70 1.93 4.33
C PRO A 139 -4.74 0.55 3.69
N ARG A 140 -5.32 -0.40 4.42
CA ARG A 140 -5.58 -1.73 3.92
C ARG A 140 -7.08 -1.96 3.80
N GLU A 141 -7.45 -2.97 3.01
CA GLU A 141 -8.86 -3.26 2.80
C GLU A 141 -9.56 -3.80 4.04
N ASP A 142 -8.82 -4.40 4.98
CA ASP A 142 -9.39 -4.78 6.26
C ASP A 142 -9.29 -3.65 7.27
N HIS A 143 -8.85 -2.47 6.85
CA HIS A 143 -8.84 -1.24 7.63
C HIS A 143 -7.79 -1.24 8.73
N LEU A 144 -6.81 -2.15 8.64
CA LEU A 144 -5.53 -2.00 9.33
C LEU A 144 -4.65 -1.12 8.46
N PHE A 145 -3.34 -1.05 8.77
CA PHE A 145 -2.42 -0.17 8.06
C PHE A 145 -1.18 -0.93 7.63
N ARG A 146 -0.46 -0.34 6.67
CA ARG A 146 0.86 -0.80 6.29
C ARG A 146 1.73 0.43 6.05
N LYS A 147 3.03 0.21 5.91
CA LYS A 147 4.00 1.30 5.90
C LYS A 147 5.32 0.76 5.33
N PHE A 148 6.05 1.61 4.63
CA PHE A 148 7.35 1.25 4.07
C PHE A 148 8.44 2.18 4.56
N HIS A 149 9.59 1.60 4.88
CA HIS A 149 10.78 2.35 5.24
C HIS A 149 11.93 1.92 4.32
N TYR A 150 12.77 2.88 3.92
CA TYR A 150 13.76 2.58 2.88
C TYR A 150 15.16 2.95 3.34
N LEU A 151 16.14 2.14 2.94
CA LEU A 151 17.54 2.39 3.28
C LEU A 151 18.43 2.08 2.08
N PRO A 152 18.85 3.11 1.33
CA PRO A 152 19.88 2.88 0.29
C PRO A 152 21.16 2.38 0.92
N PHE A 153 21.79 1.41 0.27
CA PHE A 153 23.00 0.85 0.86
C PHE A 153 23.90 0.31 -0.25
N LEU A 154 25.17 0.10 0.13
CA LEU A 154 26.15 -0.50 -0.76
C LEU A 154 26.46 -1.91 -0.26
N PRO A 155 26.05 -2.95 -0.97
CA PRO A 155 26.20 -4.31 -0.43
C PRO A 155 27.67 -4.65 -0.19
N SER A 156 27.94 -5.21 0.98
CA SER A 156 29.26 -5.72 1.31
C SER A 156 29.10 -6.99 2.12
N THR A 157 30.18 -7.73 2.28
CA THR A 157 30.13 -8.89 3.16
C THR A 157 30.39 -8.53 4.62
N GLU A 158 30.69 -7.26 4.92
CA GLU A 158 31.03 -6.85 6.28
C GLU A 158 29.84 -6.33 7.08
N ASP A 159 28.84 -5.76 6.40
CA ASP A 159 27.73 -5.11 7.06
C ASP A 159 26.54 -6.06 7.16
N VAL A 160 25.94 -6.16 8.35
CA VAL A 160 24.64 -6.78 8.51
C VAL A 160 23.64 -5.67 8.82
N TYR A 161 22.36 -5.93 8.52
CA TYR A 161 21.32 -4.94 8.74
C TYR A 161 20.16 -5.55 9.51
N ASP A 162 19.41 -4.67 10.19
CA ASP A 162 18.15 -5.02 10.81
C ASP A 162 17.19 -3.85 10.70
N CYS A 163 15.93 -4.16 10.46
CA CYS A 163 14.85 -3.22 10.66
C CYS A 163 14.25 -3.51 12.04
N ARG A 164 14.21 -2.50 12.90
CA ARG A 164 13.68 -2.65 14.26
C ARG A 164 12.37 -1.90 14.36
N VAL A 165 11.29 -2.62 14.65
CA VAL A 165 9.95 -2.05 14.67
C VAL A 165 9.40 -2.15 16.09
N GLU A 166 8.96 -1.02 16.67
CA GLU A 166 8.25 -1.06 17.94
C GLU A 166 6.80 -0.64 17.73
N HIS A 167 5.90 -1.31 18.44
CA HIS A 167 4.46 -1.07 18.32
C HIS A 167 3.79 -1.52 19.61
N TRP A 168 2.74 -0.80 20.01
CA TRP A 168 2.12 -1.09 21.30
C TRP A 168 1.57 -2.50 21.38
N GLY A 169 1.29 -3.13 20.24
CA GLY A 169 0.87 -4.53 20.27
C GLY A 169 1.99 -5.52 20.42
N LEU A 170 3.25 -5.09 20.43
CA LEU A 170 4.39 -5.99 20.58
C LEU A 170 4.96 -5.89 21.99
N ASP A 171 5.26 -7.05 22.58
CA ASP A 171 5.88 -7.06 23.90
C ASP A 171 7.32 -6.56 23.83
N GLU A 172 8.08 -7.05 22.86
CA GLU A 172 9.45 -6.64 22.64
C GLU A 172 9.57 -6.06 21.23
N PRO A 173 10.60 -5.25 20.97
CA PRO A 173 10.82 -4.78 19.60
C PRO A 173 11.03 -5.95 18.64
N LEU A 174 10.49 -5.80 17.44
CA LEU A 174 10.61 -6.81 16.40
C LEU A 174 11.80 -6.43 15.52
N LEU A 175 12.78 -7.32 15.42
CA LEU A 175 13.97 -7.10 14.60
C LEU A 175 13.95 -8.08 13.42
N LYS A 176 14.09 -7.53 12.22
CA LYS A 176 14.09 -8.34 11.01
C LYS A 176 15.41 -8.12 10.31
N HIS A 177 16.12 -9.21 10.05
CA HIS A 177 17.53 -9.18 9.69
C HIS A 177 17.72 -9.22 8.18
N TRP A 178 18.83 -8.65 7.73
CA TRP A 178 19.28 -8.91 6.37
C TRP A 178 20.80 -8.94 6.34
N GLU A 179 21.35 -9.88 5.58
CA GLU A 179 22.78 -9.89 5.32
C GLU A 179 23.03 -10.55 3.97
N PHE A 180 24.22 -10.31 3.43
CA PHE A 180 24.55 -10.77 2.10
C PHE A 180 24.52 -12.30 2.00
N ASP A 181 23.81 -12.79 0.97
CA ASP A 181 23.68 -14.20 0.50
C ASP A 181 22.24 -14.72 0.65
N ASP B 4 3.81 3.95 27.27
CA ASP B 4 2.53 4.62 27.10
C ASP B 4 1.43 3.61 26.84
N THR B 5 0.57 3.41 27.85
CA THR B 5 -0.55 2.48 27.73
C THR B 5 -1.90 3.19 27.69
N ARG B 6 -1.91 4.51 27.53
CA ARG B 6 -3.17 5.23 27.39
C ARG B 6 -3.98 4.63 26.24
N PRO B 7 -5.28 4.43 26.44
CA PRO B 7 -6.12 3.90 25.35
C PRO B 7 -6.16 4.82 24.15
N ARG B 8 -6.23 4.22 22.97
CA ARG B 8 -6.34 4.95 21.71
C ARG B 8 -7.74 4.80 21.10
N PHE B 9 -8.12 5.81 20.33
CA PHE B 9 -9.40 5.86 19.64
C PHE B 9 -9.14 6.37 18.23
N LEU B 10 -9.64 5.64 17.24
CA LEU B 10 -9.35 5.92 15.84
C LEU B 10 -10.64 6.12 15.06
N GLU B 11 -10.66 7.16 14.24
CA GLU B 11 -11.74 7.42 13.30
C GLU B 11 -11.14 7.34 11.89
N GLN B 12 -11.78 6.60 10.99
CA GLN B 12 -11.35 6.54 9.59
C GLN B 12 -12.52 6.86 8.68
N VAL B 13 -12.21 7.47 7.53
CA VAL B 13 -13.17 7.68 6.46
C VAL B 13 -12.48 7.31 5.15
N LYS B 14 -13.20 6.56 4.30
CA LYS B 14 -12.69 6.20 2.98
C LYS B 14 -13.79 6.50 1.98
N HIS B 15 -13.50 7.37 1.02
CA HIS B 15 -14.41 7.70 -0.06
C HIS B 15 -13.88 6.97 -1.29
N GLU B 16 -14.57 5.93 -1.72
CA GLU B 16 -14.06 4.99 -2.72
C GLU B 16 -14.76 5.18 -4.06
N CYS B 17 -13.98 5.16 -5.14
CA CYS B 17 -14.48 5.24 -6.51
C CYS B 17 -14.03 3.98 -7.25
N HIS B 18 -14.99 3.14 -7.61
CA HIS B 18 -14.73 1.88 -8.32
C HIS B 18 -15.10 2.04 -9.78
N PHE B 19 -14.11 1.84 -10.67
CA PHE B 19 -14.26 2.02 -12.11
C PHE B 19 -14.24 0.68 -12.82
N PHE B 20 -15.19 0.50 -13.73
CA PHE B 20 -15.30 -0.70 -14.56
C PHE B 20 -15.37 -0.23 -16.02
N ASN B 21 -14.54 -0.82 -16.88
CA ASN B 21 -14.45 -0.41 -18.29
C ASN B 21 -14.25 1.10 -18.41
N GLY B 22 -13.07 1.53 -18.00
CA GLY B 22 -12.81 2.95 -17.96
C GLY B 22 -13.73 3.62 -16.97
N THR B 23 -14.45 4.64 -17.45
CA THR B 23 -15.46 5.34 -16.66
C THR B 23 -16.88 5.06 -17.17
N GLU B 24 -17.08 3.89 -17.80
CA GLU B 24 -18.41 3.55 -18.30
C GLU B 24 -19.34 3.21 -17.14
N ARG B 25 -18.91 2.30 -16.27
CA ARG B 25 -19.61 1.97 -15.04
C ARG B 25 -18.76 2.45 -13.87
N VAL B 26 -19.38 3.21 -12.97
CA VAL B 26 -18.68 3.79 -11.82
C VAL B 26 -19.56 3.60 -10.60
N ARG B 27 -18.97 3.14 -9.50
CA ARG B 27 -19.66 2.95 -8.22
C ARG B 27 -18.90 3.71 -7.14
N PHE B 28 -19.62 4.55 -6.40
CA PHE B 28 -19.07 5.35 -5.31
C PHE B 28 -19.54 4.81 -3.98
N LEU B 29 -18.61 4.74 -3.02
CA LEU B 29 -18.88 4.29 -1.64
C LEU B 29 -18.25 5.28 -0.66
N ASP B 30 -19.07 5.79 0.26
CA ASP B 30 -18.64 6.71 1.32
C ASP B 30 -18.73 5.95 2.64
N ARG B 31 -17.59 5.68 3.27
CA ARG B 31 -17.49 4.71 4.34
C ARG B 31 -16.89 5.34 5.60
N TYR B 32 -17.56 5.17 6.73
CA TYR B 32 -17.13 5.75 8.00
C TYR B 32 -16.82 4.61 8.98
N PHE B 33 -15.68 4.72 9.66
CA PHE B 33 -15.19 3.63 10.50
C PHE B 33 -14.79 4.15 11.88
N TYR B 34 -15.09 3.35 12.90
CA TYR B 34 -14.60 3.59 14.25
C TYR B 34 -13.71 2.40 14.62
N HIS B 35 -12.41 2.67 14.81
CA HIS B 35 -11.33 1.68 14.84
C HIS B 35 -11.30 0.96 13.47
N GLN B 36 -11.70 -0.30 13.40
CA GLN B 36 -11.84 -1.00 12.11
C GLN B 36 -13.29 -1.25 11.74
N GLU B 37 -14.24 -0.79 12.54
CA GLU B 37 -15.64 -1.16 12.35
C GLU B 37 -16.32 -0.12 11.47
N GLU B 38 -16.65 -0.49 10.25
CA GLU B 38 -17.49 0.34 9.40
C GLU B 38 -18.86 0.45 10.04
N TYR B 39 -19.30 1.67 10.35
CA TYR B 39 -20.60 1.79 11.00
C TYR B 39 -21.68 2.40 10.12
N VAL B 40 -21.32 3.16 9.10
CA VAL B 40 -22.32 3.72 8.20
C VAL B 40 -21.65 3.92 6.84
N ARG B 41 -22.45 3.78 5.77
CA ARG B 41 -21.93 4.01 4.43
C ARG B 41 -23.00 4.54 3.48
N PHE B 42 -22.54 5.28 2.48
CA PHE B 42 -23.34 5.66 1.32
C PHE B 42 -22.87 4.83 0.14
N ASP B 43 -23.79 4.11 -0.47
CA ASP B 43 -23.50 3.30 -1.65
C ASP B 43 -24.27 3.93 -2.81
N SER B 44 -23.54 4.34 -3.87
CA SER B 44 -24.21 4.97 -5.02
C SER B 44 -25.24 4.04 -5.66
N ASP B 45 -25.14 2.72 -5.48
CA ASP B 45 -26.17 1.79 -5.92
C ASP B 45 -27.50 2.01 -5.20
N VAL B 46 -27.48 2.61 -4.02
CA VAL B 46 -28.66 2.81 -3.20
C VAL B 46 -29.10 4.26 -3.23
N GLY B 47 -28.16 5.19 -3.08
CA GLY B 47 -28.48 6.61 -3.10
C GLY B 47 -28.83 7.21 -1.75
N GLU B 48 -28.63 6.47 -0.66
CA GLU B 48 -28.82 6.98 0.69
C GLU B 48 -27.82 6.31 1.61
N TYR B 49 -27.54 6.96 2.75
CA TYR B 49 -26.73 6.32 3.79
C TYR B 49 -27.52 5.19 4.43
N ARG B 50 -26.83 4.09 4.74
CA ARG B 50 -27.40 2.97 5.48
C ARG B 50 -26.43 2.58 6.58
N ALA B 51 -26.97 2.33 7.76
CA ALA B 51 -26.15 1.90 8.89
C ALA B 51 -25.62 0.51 8.61
N VAL B 52 -24.32 0.31 8.83
CA VAL B 52 -23.72 -1.01 8.63
C VAL B 52 -23.76 -1.82 9.91
N THR B 53 -23.55 -1.13 11.04
CA THR B 53 -23.77 -1.68 12.37
C THR B 53 -24.69 -0.74 13.14
N GLU B 54 -25.18 -1.26 14.26
CA GLU B 54 -26.02 -0.49 15.18
C GLU B 54 -25.39 0.84 15.53
N LEU B 55 -24.06 0.89 15.66
CA LEU B 55 -23.38 2.12 16.02
C LEU B 55 -23.71 3.27 15.06
N GLY B 56 -23.96 2.98 13.79
CA GLY B 56 -24.16 4.03 12.81
C GLY B 56 -25.59 4.43 12.50
N ARG B 57 -26.58 3.86 13.19
CA ARG B 57 -27.96 4.23 12.91
C ARG B 57 -28.21 5.74 13.09
N PRO B 58 -27.71 6.43 14.13
CA PRO B 58 -27.96 7.88 14.19
C PRO B 58 -27.43 8.64 12.99
N ASP B 59 -26.27 8.23 12.47
CA ASP B 59 -25.67 8.99 11.37
C ASP B 59 -26.49 8.82 10.09
N ALA B 60 -26.90 7.59 9.78
CA ALA B 60 -27.77 7.35 8.64
C ALA B 60 -29.04 8.21 8.68
N GLU B 61 -29.77 8.16 9.81
CA GLU B 61 -31.01 8.93 9.92
C GLU B 61 -30.76 10.43 9.79
N TYR B 62 -29.75 10.95 10.49
CA TYR B 62 -29.47 12.38 10.42
C TYR B 62 -29.05 12.79 9.01
N TRP B 63 -28.12 12.06 8.40
CA TRP B 63 -27.61 12.51 7.11
C TRP B 63 -28.67 12.32 6.02
N ASN B 64 -29.46 11.26 6.11
CA ASN B 64 -30.52 11.05 5.12
C ASN B 64 -31.60 12.10 5.19
N SER B 65 -31.71 12.84 6.29
CA SER B 65 -32.63 13.97 6.36
C SER B 65 -32.10 15.22 5.65
N GLN B 66 -30.89 15.20 5.12
CA GLN B 66 -30.28 16.37 4.49
C GLN B 66 -30.28 16.15 2.98
N LYS B 67 -31.39 16.54 2.34
CA LYS B 67 -31.53 16.33 0.90
C LYS B 67 -30.39 16.96 0.12
N ASP B 68 -29.90 18.12 0.56
CA ASP B 68 -28.77 18.73 -0.16
C ASP B 68 -27.52 17.86 -0.07
N LEU B 69 -27.24 17.31 1.12
CA LEU B 69 -26.11 16.40 1.30
C LEU B 69 -26.25 15.18 0.41
N LEU B 70 -27.43 14.53 0.43
CA LEU B 70 -27.65 13.35 -0.39
C LEU B 70 -27.48 13.66 -1.88
N GLU B 71 -27.97 14.82 -2.33
CA GLU B 71 -27.79 15.13 -3.75
C GLU B 71 -26.33 15.36 -4.11
N GLN B 72 -25.54 15.88 -3.17
CA GLN B 72 -24.08 15.92 -3.35
C GLN B 72 -23.52 14.53 -3.54
N ARG B 73 -23.90 13.60 -2.66
CA ARG B 73 -23.38 12.24 -2.71
C ARG B 73 -23.88 11.50 -3.93
N ARG B 74 -25.13 11.73 -4.33
CA ARG B 74 -25.65 11.07 -5.53
C ARG B 74 -24.94 11.53 -6.81
N ALA B 75 -24.39 12.75 -6.83
CA ALA B 75 -23.66 13.24 -7.99
C ALA B 75 -22.19 12.87 -7.96
N ALA B 76 -21.70 12.25 -6.88
CA ALA B 76 -20.27 12.01 -6.71
C ALA B 76 -19.68 11.21 -7.86
N VAL B 77 -20.38 10.18 -8.33
CA VAL B 77 -19.86 9.38 -9.45
C VAL B 77 -19.43 10.25 -10.62
N ASP B 78 -20.15 11.36 -10.86
CA ASP B 78 -19.79 12.32 -11.92
C ASP B 78 -18.80 13.37 -11.43
N THR B 79 -19.14 14.11 -10.37
CA THR B 79 -18.38 15.28 -9.94
C THR B 79 -17.11 14.94 -9.19
N TYR B 80 -17.00 13.72 -8.67
CA TYR B 80 -15.85 13.31 -7.88
C TYR B 80 -15.11 12.15 -8.54
N CYS B 81 -15.76 11.01 -8.70
CA CYS B 81 -15.09 9.84 -9.26
C CYS B 81 -14.65 10.07 -10.69
N ARG B 82 -15.59 10.38 -11.60
CA ARG B 82 -15.18 10.54 -12.99
C ARG B 82 -14.22 11.70 -13.14
N HIS B 83 -14.44 12.78 -12.38
CA HIS B 83 -13.55 13.93 -12.48
C HIS B 83 -12.12 13.56 -12.09
N ASN B 84 -11.92 12.97 -10.92
CA ASN B 84 -10.58 12.67 -10.47
C ASN B 84 -9.91 11.62 -11.35
N TYR B 85 -10.69 10.70 -11.91
CA TYR B 85 -10.13 9.74 -12.87
C TYR B 85 -9.51 10.50 -14.05
N GLY B 86 -10.22 11.50 -14.57
CA GLY B 86 -9.68 12.25 -15.68
C GLY B 86 -8.42 13.00 -15.29
N VAL B 87 -8.31 13.42 -14.03
CA VAL B 87 -7.15 14.17 -13.59
C VAL B 87 -5.91 13.28 -13.51
N VAL B 88 -6.06 12.04 -13.01
CA VAL B 88 -4.91 11.20 -12.69
C VAL B 88 -4.65 10.10 -13.71
N GLU B 89 -5.57 9.87 -14.64
CA GLU B 89 -5.52 8.69 -15.49
C GLU B 89 -4.22 8.59 -16.29
N SER B 90 -3.62 9.72 -16.69
CA SER B 90 -2.46 9.63 -17.58
C SER B 90 -1.23 9.06 -16.88
N PHE B 91 -1.13 9.15 -15.56
CA PHE B 91 0.04 8.64 -14.84
C PHE B 91 -0.30 7.53 -13.87
N THR B 92 -1.53 7.01 -13.89
CA THR B 92 -1.90 5.90 -13.00
C THR B 92 -2.48 4.78 -13.84
N VAL B 93 -3.68 5.00 -14.39
CA VAL B 93 -4.30 4.03 -15.30
C VAL B 93 -3.34 3.64 -16.42
N GLN B 94 -2.64 4.62 -16.99
CA GLN B 94 -1.80 4.39 -18.16
C GLN B 94 -0.33 4.11 -17.82
N ARG B 95 0.03 4.07 -16.54
CA ARG B 95 1.40 3.80 -16.16
C ARG B 95 1.81 2.39 -16.59
N ARG B 96 2.93 2.29 -17.32
CA ARG B 96 3.50 1.02 -17.73
C ARG B 96 5.00 1.08 -17.52
N VAL B 97 5.53 0.12 -16.75
CA VAL B 97 6.95 0.05 -16.45
C VAL B 97 7.34 -1.41 -16.63
N TYR B 98 8.22 -1.67 -17.59
CA TYR B 98 8.47 -3.07 -17.84
C TYR B 98 9.43 -3.62 -16.81
N PRO B 99 9.39 -4.94 -16.58
CA PRO B 99 10.26 -5.53 -15.56
C PRO B 99 11.69 -5.73 -16.05
N GLU B 100 12.62 -5.71 -15.09
CA GLU B 100 13.95 -6.28 -15.27
C GLU B 100 13.90 -7.74 -14.82
N VAL B 101 14.46 -8.63 -15.63
CA VAL B 101 14.43 -10.06 -15.33
C VAL B 101 15.86 -10.54 -15.15
N THR B 102 16.12 -11.19 -14.02
CA THR B 102 17.41 -11.72 -13.64
C THR B 102 17.23 -13.16 -13.20
N VAL B 103 18.12 -14.04 -13.64
CA VAL B 103 18.11 -15.44 -13.25
C VAL B 103 19.42 -15.73 -12.54
N TYR B 104 19.34 -16.30 -11.35
CA TYR B 104 20.52 -16.73 -10.63
C TYR B 104 20.21 -18.03 -9.90
N PRO B 105 21.21 -18.88 -9.69
CA PRO B 105 20.98 -20.14 -8.97
C PRO B 105 21.10 -19.98 -7.46
N ALA B 106 20.49 -20.93 -6.76
CA ALA B 106 20.49 -20.94 -5.29
C ALA B 106 20.38 -22.40 -4.82
N LYS B 107 20.14 -22.58 -3.51
CA LYS B 107 20.16 -23.90 -2.86
C LYS B 107 19.00 -24.03 -1.88
N THR B 108 18.25 -25.13 -1.98
CA THR B 108 17.26 -25.44 -0.95
C THR B 108 17.92 -25.76 0.39
N GLN B 109 19.17 -26.23 0.38
CA GLN B 109 19.88 -26.57 1.60
C GLN B 109 21.27 -25.98 1.42
N PRO B 110 21.74 -25.18 2.38
CA PRO B 110 23.01 -24.47 2.19
C PRO B 110 24.20 -25.39 1.88
N LEU B 111 24.17 -26.64 2.36
CA LEU B 111 25.28 -27.56 2.14
C LEU B 111 25.16 -28.36 0.85
N GLN B 112 23.96 -28.50 0.28
CA GLN B 112 23.79 -29.26 -0.94
C GLN B 112 24.22 -28.41 -2.14
N HIS B 113 24.19 -29.01 -3.34
CA HIS B 113 24.58 -28.31 -4.56
C HIS B 113 23.44 -27.41 -5.06
N HIS B 114 23.67 -26.68 -6.15
CA HIS B 114 22.69 -25.72 -6.66
C HIS B 114 21.49 -26.46 -7.24
N ASN B 115 20.34 -26.30 -6.62
CA ASN B 115 19.16 -27.04 -7.04
C ASN B 115 17.94 -26.11 -7.09
N LEU B 116 18.19 -24.82 -7.29
CA LEU B 116 17.13 -23.82 -7.29
C LEU B 116 17.49 -22.73 -8.28
N LEU B 117 16.62 -22.48 -9.26
CA LEU B 117 16.79 -21.38 -10.19
C LEU B 117 15.81 -20.28 -9.83
N VAL B 118 16.32 -19.08 -9.54
CA VAL B 118 15.49 -17.94 -9.20
C VAL B 118 15.30 -17.06 -10.42
N CYS B 119 14.06 -16.78 -10.77
CA CYS B 119 13.74 -15.77 -11.77
C CYS B 119 13.26 -14.54 -11.00
N SER B 120 14.15 -13.56 -10.86
CA SER B 120 13.85 -12.33 -10.14
C SER B 120 13.29 -11.31 -11.13
N VAL B 121 12.03 -10.91 -10.95
CA VAL B 121 11.34 -9.97 -11.83
C VAL B 121 11.07 -8.71 -11.02
N ASN B 122 11.69 -7.60 -11.42
CA ASN B 122 11.81 -6.42 -10.58
C ASN B 122 11.35 -5.15 -11.28
N GLY B 123 10.70 -4.26 -10.52
CA GLY B 123 10.47 -2.89 -10.95
C GLY B 123 9.33 -2.65 -11.90
N PHE B 124 8.41 -3.59 -12.08
CA PHE B 124 7.35 -3.47 -13.07
C PHE B 124 6.10 -2.82 -12.49
N TYR B 125 5.29 -2.24 -13.38
CA TYR B 125 3.94 -1.73 -13.05
C TYR B 125 3.09 -1.85 -14.32
N PRO B 126 1.81 -2.27 -14.18
CA PRO B 126 1.07 -2.59 -12.95
C PRO B 126 1.33 -4.01 -12.44
N GLY B 127 0.49 -4.47 -11.51
CA GLY B 127 0.84 -5.67 -10.76
C GLY B 127 0.69 -6.97 -11.52
N SER B 128 -0.22 -7.02 -12.49
CA SER B 128 -0.53 -8.29 -13.12
C SER B 128 0.62 -8.76 -13.99
N ILE B 129 1.08 -9.98 -13.74
CA ILE B 129 2.26 -10.48 -14.43
C ILE B 129 2.16 -12.00 -14.45
N GLU B 130 2.76 -12.61 -15.46
CA GLU B 130 2.81 -14.06 -15.52
C GLU B 130 4.25 -14.47 -15.80
N VAL B 131 4.75 -15.38 -14.97
CA VAL B 131 6.12 -15.85 -15.05
C VAL B 131 6.10 -17.36 -15.17
N ARG B 132 6.80 -17.88 -16.17
CA ARG B 132 6.83 -19.31 -16.46
C ARG B 132 8.26 -19.80 -16.62
N TRP B 133 8.47 -21.06 -16.27
CA TRP B 133 9.76 -21.70 -16.42
C TRP B 133 9.73 -22.73 -17.55
N PHE B 134 10.85 -22.81 -18.28
CA PHE B 134 11.01 -23.76 -19.37
C PHE B 134 12.34 -24.48 -19.21
N ARG B 135 12.32 -25.80 -19.42
CA ARG B 135 13.54 -26.59 -19.52
C ARG B 135 13.63 -27.14 -20.94
N ASN B 136 14.67 -26.72 -21.66
CA ASN B 136 14.85 -27.09 -23.07
C ASN B 136 13.55 -26.90 -23.86
N GLY B 137 12.96 -25.71 -23.73
CA GLY B 137 11.81 -25.36 -24.53
C GLY B 137 10.49 -25.97 -24.10
N GLN B 138 10.47 -26.74 -23.01
CA GLN B 138 9.23 -27.34 -22.51
C GLN B 138 8.89 -26.71 -21.15
N GLU B 139 7.64 -26.30 -20.98
CA GLU B 139 7.25 -25.64 -19.75
C GLU B 139 7.32 -26.61 -18.57
N GLU B 140 7.98 -26.18 -17.49
CA GLU B 140 8.05 -26.94 -16.25
C GLU B 140 7.07 -26.33 -15.26
N LYS B 141 6.04 -27.09 -14.90
CA LYS B 141 5.07 -26.61 -13.93
C LYS B 141 5.27 -27.21 -12.53
N THR B 142 6.01 -28.30 -12.39
CA THR B 142 6.21 -28.88 -11.07
C THR B 142 7.41 -28.24 -10.38
N GLY B 143 7.34 -28.14 -9.06
CA GLY B 143 8.46 -27.63 -8.31
C GLY B 143 8.63 -26.12 -8.32
N VAL B 144 7.59 -25.36 -8.66
CA VAL B 144 7.65 -23.91 -8.75
C VAL B 144 7.03 -23.29 -7.50
N VAL B 145 7.77 -22.40 -6.85
CA VAL B 145 7.34 -21.67 -5.68
C VAL B 145 7.68 -20.20 -5.91
N SER B 146 6.88 -19.32 -5.31
CA SER B 146 7.02 -17.89 -5.55
C SER B 146 6.79 -17.12 -4.26
N THR B 147 7.43 -15.96 -4.16
CA THR B 147 7.05 -14.99 -3.15
C THR B 147 5.64 -14.43 -3.40
N GLY B 148 5.09 -14.61 -4.59
CA GLY B 148 3.89 -13.88 -4.96
C GLY B 148 4.21 -12.45 -5.34
N LEU B 149 3.16 -11.64 -5.47
CA LEU B 149 3.34 -10.26 -5.90
C LEU B 149 3.75 -9.39 -4.72
N ILE B 150 4.86 -8.68 -4.85
CA ILE B 150 5.39 -7.84 -3.77
C ILE B 150 5.29 -6.37 -4.19
N GLN B 151 4.59 -5.57 -3.39
CA GLN B 151 4.57 -4.12 -3.56
C GLN B 151 5.85 -3.54 -2.97
N ASN B 152 6.55 -2.73 -3.74
CA ASN B 152 7.68 -2.00 -3.17
C ASN B 152 7.28 -0.70 -2.50
N GLY B 153 6.00 -0.31 -2.63
CA GLY B 153 5.49 0.92 -2.06
C GLY B 153 5.82 2.16 -2.85
N ASP B 154 6.52 2.04 -3.98
CA ASP B 154 6.96 3.19 -4.76
C ASP B 154 6.45 3.11 -6.20
N TRP B 155 5.26 2.53 -6.40
CA TRP B 155 4.66 2.34 -7.71
C TRP B 155 5.46 1.38 -8.58
N THR B 156 6.18 0.46 -7.95
CA THR B 156 6.74 -0.69 -8.65
C THR B 156 6.45 -1.94 -7.85
N PHE B 157 6.46 -3.07 -8.55
CA PHE B 157 6.30 -4.38 -7.94
C PHE B 157 7.56 -5.20 -8.21
N GLN B 158 7.70 -6.27 -7.44
CA GLN B 158 8.65 -7.33 -7.77
C GLN B 158 8.03 -8.68 -7.44
N THR B 159 8.65 -9.73 -7.96
CA THR B 159 8.28 -11.09 -7.61
C THR B 159 9.48 -12.01 -7.91
N LEU B 160 9.70 -13.00 -7.06
CA LEU B 160 10.66 -14.07 -7.34
C LEU B 160 9.89 -15.35 -7.60
N VAL B 161 10.22 -16.02 -8.70
CA VAL B 161 9.62 -17.29 -9.06
C VAL B 161 10.74 -18.31 -9.14
N MET B 162 10.69 -19.31 -8.26
CA MET B 162 11.79 -20.23 -8.10
C MET B 162 11.41 -21.61 -8.62
N LEU B 163 12.34 -22.23 -9.34
CA LEU B 163 12.16 -23.57 -9.88
C LEU B 163 13.14 -24.51 -9.20
N GLU B 164 12.62 -25.53 -8.53
CA GLU B 164 13.45 -26.54 -7.89
C GLU B 164 13.79 -27.60 -8.93
N THR B 165 15.07 -27.82 -9.16
CA THR B 165 15.47 -28.65 -10.27
C THR B 165 16.91 -29.09 -10.04
N VAL B 166 17.26 -30.25 -10.59
CA VAL B 166 18.66 -30.69 -10.62
C VAL B 166 19.19 -30.45 -12.03
N PRO B 167 20.01 -29.40 -12.23
CA PRO B 167 20.48 -29.11 -13.59
C PRO B 167 21.46 -30.17 -14.06
N ARG B 168 21.30 -30.60 -15.31
CA ARG B 168 22.23 -31.50 -15.97
C ARG B 168 22.98 -30.73 -17.05
N SER B 169 24.23 -31.13 -17.29
CA SER B 169 25.01 -30.52 -18.36
C SER B 169 24.25 -30.61 -19.68
N GLY B 170 24.26 -29.52 -20.43
CA GLY B 170 23.54 -29.39 -21.67
C GLY B 170 22.24 -28.62 -21.56
N GLU B 171 21.56 -28.68 -20.42
CA GLU B 171 20.24 -28.09 -20.30
C GLU B 171 20.28 -26.58 -20.41
N VAL B 172 19.23 -26.02 -21.01
CA VAL B 172 19.00 -24.57 -21.02
C VAL B 172 17.65 -24.31 -20.39
N TYR B 173 17.64 -23.50 -19.33
CA TYR B 173 16.42 -23.11 -18.64
C TYR B 173 16.01 -21.71 -19.07
N THR B 174 14.73 -21.52 -19.28
CA THR B 174 14.22 -20.22 -19.71
C THR B 174 13.16 -19.73 -18.73
N CYS B 175 13.33 -18.52 -18.24
CA CYS B 175 12.29 -17.81 -17.51
C CYS B 175 11.58 -16.85 -18.46
N GLN B 176 10.26 -16.99 -18.60
CA GLN B 176 9.48 -16.20 -19.52
C GLN B 176 8.48 -15.32 -18.79
N VAL B 177 8.48 -14.03 -19.10
CA VAL B 177 7.65 -13.03 -18.43
C VAL B 177 6.71 -12.39 -19.45
N GLU B 178 5.42 -12.37 -19.12
CA GLU B 178 4.41 -11.59 -19.83
C GLU B 178 3.81 -10.57 -18.86
N HIS B 179 3.46 -9.42 -19.41
CA HIS B 179 3.15 -8.24 -18.62
C HIS B 179 2.58 -7.20 -19.59
N PRO B 180 1.61 -6.38 -19.15
CA PRO B 180 0.99 -5.43 -20.09
C PRO B 180 1.97 -4.41 -20.68
N SER B 181 3.09 -4.16 -20.03
CA SER B 181 4.07 -3.24 -20.61
C SER B 181 4.81 -3.83 -21.78
N LEU B 182 4.70 -5.13 -22.02
CA LEU B 182 5.46 -5.82 -23.06
C LEU B 182 4.53 -6.20 -24.21
N THR B 183 5.03 -6.11 -25.42
CA THR B 183 4.28 -6.56 -26.57
C THR B 183 4.66 -7.98 -26.98
N SER B 184 5.76 -8.51 -26.46
CA SER B 184 6.21 -9.88 -26.69
C SER B 184 6.77 -10.42 -25.38
N PRO B 185 6.68 -11.74 -25.15
CA PRO B 185 7.25 -12.31 -23.92
C PRO B 185 8.72 -11.96 -23.78
N LEU B 186 9.10 -11.60 -22.56
CA LEU B 186 10.49 -11.35 -22.19
C LEU B 186 11.05 -12.65 -21.63
N THR B 187 12.15 -13.13 -22.21
CA THR B 187 12.78 -14.39 -21.81
C THR B 187 14.23 -14.19 -21.44
N VAL B 188 14.66 -14.91 -20.42
CA VAL B 188 16.05 -14.91 -19.97
C VAL B 188 16.47 -16.36 -19.82
N GLU B 189 17.62 -16.71 -20.38
CA GLU B 189 18.10 -18.07 -20.34
C GLU B 189 19.16 -18.24 -19.26
N TRP B 190 19.27 -19.48 -18.78
CA TRP B 190 20.31 -19.87 -17.85
C TRP B 190 20.83 -21.23 -18.27
N ARG B 191 22.15 -21.35 -18.41
CA ARG B 191 22.79 -22.60 -18.82
C ARG B 191 23.56 -23.21 -17.64
N ALA B 192 23.48 -24.52 -17.52
CA ALA B 192 24.18 -25.24 -16.46
C ALA B 192 25.69 -25.17 -16.65
N GLU C 1 -7.29 19.29 -14.02
CA GLU C 1 -5.93 19.27 -13.52
C GLU C 1 -5.85 19.28 -11.99
N THR C 2 -6.96 19.64 -11.32
CA THR C 2 -6.98 19.70 -9.87
C THR C 2 -7.79 18.53 -9.33
N VAL C 3 -7.16 17.71 -8.49
CA VAL C 3 -7.87 16.62 -7.82
C VAL C 3 -8.81 17.21 -6.79
N CYS C 4 -10.04 16.74 -6.79
CA CYS C 4 -11.13 17.28 -6.01
C CYS C 4 -11.42 16.37 -4.82
N PRO C 5 -11.50 16.89 -3.58
CA PRO C 5 -11.79 16.07 -2.39
C PRO C 5 -13.29 15.89 -2.17
C CIR C 6 -15.09 14.94 0.19
O CIR C 6 -14.07 14.80 0.92
CA CIR C 6 -15.02 14.56 -1.24
N CIR C 6 -13.65 14.71 -1.70
C3 CIR C 6 -15.42 13.12 -1.39
C4 CIR C 6 -16.82 12.87 -0.87
C5 CIR C 6 -17.72 12.56 -2.06
N6 CIR C 6 -17.72 13.70 -2.95
C7 CIR C 6 -18.97 14.33 -3.27
O7 CIR C 6 -20.01 13.90 -2.80
N8 CIR C 6 -19.03 15.47 -4.15
N THR C 7 -16.00 15.84 0.65
CA THR C 7 -16.03 16.32 2.02
C THR C 7 -16.54 15.25 2.96
N THR C 8 -16.13 15.33 4.21
CA THR C 8 -16.72 14.54 5.27
C THR C 8 -17.68 15.41 6.05
N GLN C 9 -18.76 14.81 6.58
CA GLN C 9 -19.75 15.56 7.32
C GLN C 9 -19.79 15.11 8.76
N GLN C 10 -20.29 15.99 9.62
CA GLN C 10 -20.29 15.73 11.06
C GLN C 10 -21.47 14.86 11.45
N SER C 11 -21.21 13.84 12.28
CA SER C 11 -22.24 13.04 12.90
C SER C 11 -23.14 13.93 13.77
N PRO C 12 -24.34 13.47 14.09
CA PRO C 12 -25.15 14.16 15.11
C PRO C 12 -24.58 13.96 16.50
N GLU C 13 -24.65 15.00 17.32
CA GLU C 13 -24.17 14.92 18.71
C GLU C 13 -25.24 14.45 19.68
C1 NAG D . -23.25 2.00 25.84
C2 NAG D . -23.76 1.02 24.79
C3 NAG D . -25.26 1.15 24.60
C4 NAG D . -25.99 1.13 25.94
C5 NAG D . -25.35 2.10 26.92
C6 NAG D . -26.03 2.03 28.28
C7 NAG D . -22.14 0.41 23.09
C8 NAG D . -21.63 -0.58 24.09
N2 NAG D . -23.07 1.25 23.53
O3 NAG D . -25.73 0.07 23.79
O4 NAG D . -27.36 1.47 25.74
O5 NAG D . -23.96 1.80 27.06
O6 NAG D . -25.90 0.70 28.82
O7 NAG D . -21.72 0.44 21.94
C1 NAG E . 8.20 5.50 20.43
C2 NAG E . 7.04 4.94 21.25
C3 NAG E . 6.56 5.96 22.27
C4 NAG E . 7.73 6.55 23.06
C5 NAG E . 8.84 7.01 22.13
C6 NAG E . 10.04 7.52 22.91
C7 NAG E . 5.69 3.28 20.13
C8 NAG E . 4.49 3.02 19.26
N2 NAG E . 5.95 4.56 20.38
O3 NAG E . 5.65 5.34 23.17
O4 NAG E . 7.27 7.65 23.84
O5 NAG E . 9.25 5.92 21.29
O6 NAG E . 11.01 8.06 22.01
O7 NAG E . 6.37 2.36 20.59
#